data_5HFM
#
_entry.id   5HFM
#
_cell.length_a   39.112
_cell.length_b   39.076
_cell.length_c   90.602
_cell.angle_alpha   90.03
_cell.angle_beta   89.98
_cell.angle_gamma   120.06
#
_symmetry.space_group_name_H-M   'P 1'
#
loop_
_entity.id
_entity.type
_entity.pdbx_description
1 polymer 'Envelope glycoprotein gp160,gp41 CHR region'
2 non-polymer TRIS(HYDROXYETHYL)AMINOMETHANE
3 water water
#
_entity_poly.entity_id   1
_entity_poly.type   'polypeptide(L)'
_entity_poly.pdbx_seq_one_letter_code
;GPMAVQARQLLSGIVQQQNNLLRAIEAQQHLLQLTVWGIKQLQARILSGGRGGWEEWDKKIEEYTKKIEELIKKSQNQQI
DL
;
_entity_poly.pdbx_strand_id   A,B,C,D,E,F
#
# COMPACT_ATOMS: atom_id res chain seq x y z
N ALA A 4 7.62 0.00 -10.30
CA ALA A 4 7.82 1.42 -10.63
C ALA A 4 6.62 2.25 -10.22
N VAL A 5 5.48 1.99 -10.85
CA VAL A 5 4.23 2.66 -10.47
C VAL A 5 3.90 2.25 -9.04
N GLN A 6 4.26 1.02 -8.70
CA GLN A 6 4.07 0.49 -7.36
C GLN A 6 4.91 1.24 -6.35
N ALA A 7 6.18 1.44 -6.67
CA ALA A 7 7.13 2.06 -5.76
C ALA A 7 6.77 3.51 -5.47
N ARG A 8 6.44 4.27 -6.51
CA ARG A 8 6.09 5.67 -6.35
C ARG A 8 4.88 5.86 -5.44
N GLN A 9 3.84 5.06 -5.67
CA GLN A 9 2.62 5.14 -4.88
C GLN A 9 2.90 4.76 -3.43
N LEU A 10 3.80 3.81 -3.25
CA LEU A 10 4.14 3.33 -1.92
C LEU A 10 5.04 4.32 -1.19
N LEU A 11 5.98 4.91 -1.91
CA LEU A 11 6.90 5.87 -1.31
C LEU A 11 6.21 7.19 -1.01
N SER A 12 5.32 7.60 -1.89
CA SER A 12 4.57 8.83 -1.68
C SER A 12 3.65 8.69 -0.47
N GLY A 13 3.01 7.53 -0.37
CA GLY A 13 2.14 7.22 0.75
C GLY A 13 2.90 7.30 2.06
N ILE A 14 4.13 6.80 2.05
CA ILE A 14 4.99 6.83 3.22
C ILE A 14 5.35 8.26 3.61
N VAL A 15 5.69 9.07 2.61
CA VAL A 15 6.05 10.47 2.85
C VAL A 15 4.87 11.28 3.38
N GLN A 16 3.69 11.08 2.80
CA GLN A 16 2.48 11.73 3.28
C GLN A 16 2.21 11.36 4.74
N GLN A 17 2.46 10.10 5.08
CA GLN A 17 2.28 9.63 6.45
C GLN A 17 3.24 10.33 7.41
N GLN A 18 4.48 10.49 6.97
CA GLN A 18 5.48 11.18 7.79
C GLN A 18 5.06 12.62 8.06
N ASN A 19 4.46 13.25 7.05
CA ASN A 19 3.98 14.60 7.20
C ASN A 19 2.84 14.69 8.22
N ASN A 20 1.97 13.68 8.20
CA ASN A 20 0.89 13.61 9.18
C ASN A 20 1.43 13.42 10.60
N LEU A 21 2.39 12.52 10.75
CA LEU A 21 2.98 12.21 12.04
C LEU A 21 3.69 13.43 12.62
N LEU A 22 4.42 14.15 11.77
CA LEU A 22 5.14 15.34 12.20
C LEU A 22 4.18 16.43 12.69
N ARG A 23 3.13 16.67 11.91
CA ARG A 23 2.12 17.67 12.26
C ARG A 23 1.47 17.35 13.61
N ALA A 24 1.22 16.07 13.86
CA ALA A 24 0.64 15.64 15.11
C ALA A 24 1.61 15.92 16.26
N ILE A 25 2.89 15.67 16.03
CA ILE A 25 3.92 15.95 17.02
C ILE A 25 4.02 17.44 17.36
N GLU A 26 3.90 18.29 16.34
CA GLU A 26 3.92 19.73 16.55
C GLU A 26 2.71 20.16 17.37
N ALA A 27 1.54 19.61 17.03
CA ALA A 27 0.32 19.94 17.75
C ALA A 27 0.35 19.44 19.18
N GLN A 28 0.95 18.27 19.39
CA GLN A 28 1.12 17.73 20.74
C GLN A 28 2.06 18.60 21.55
N GLN A 29 3.05 19.19 20.88
CA GLN A 29 4.03 20.04 21.55
C GLN A 29 3.39 21.34 22.01
N HIS A 30 2.50 21.88 21.17
CA HIS A 30 1.73 23.07 21.52
C HIS A 30 0.88 22.77 22.74
N LEU A 31 0.23 21.61 22.71
CA LEU A 31 -0.63 21.18 23.80
C LEU A 31 0.16 20.96 25.09
N LEU A 32 1.36 20.39 24.94
CA LEU A 32 2.23 20.12 26.06
C LEU A 32 2.69 21.40 26.76
N GLN A 33 3.04 22.41 25.98
CA GLN A 33 3.49 23.69 26.54
C GLN A 33 2.36 24.39 27.29
N LEU A 34 1.12 24.16 26.86
CA LEU A 34 -0.04 24.71 27.54
C LEU A 34 -0.20 24.06 28.91
N THR A 35 0.08 22.76 28.99
CA THR A 35 0.00 22.05 30.27
C THR A 35 1.11 22.49 31.22
N VAL A 36 2.28 22.75 30.67
CA VAL A 36 3.40 23.25 31.47
C VAL A 36 3.06 24.59 32.12
N TRP A 37 2.44 25.48 31.34
CA TRP A 37 2.03 26.77 31.87
C TRP A 37 0.99 26.60 32.97
N GLY A 38 0.00 25.76 32.72
CA GLY A 38 -1.05 25.50 33.69
C GLY A 38 -0.50 25.04 35.02
N ILE A 39 0.49 24.15 34.96
CA ILE A 39 1.13 23.63 36.16
C ILE A 39 1.91 24.71 36.88
N LYS A 40 2.70 25.47 36.13
CA LYS A 40 3.53 26.52 36.70
C LYS A 40 2.69 27.59 37.40
N GLN A 41 1.55 27.93 36.82
CA GLN A 41 0.66 28.91 37.42
C GLN A 41 -0.03 28.40 38.69
N LEU A 42 -0.24 27.09 38.77
CA LEU A 42 -0.80 26.50 39.97
C LEU A 42 0.25 26.42 41.07
N GLN A 43 1.49 26.15 40.66
CA GLN A 43 2.60 26.12 41.60
C GLN A 43 2.85 27.50 42.19
N ALA A 44 2.57 28.53 41.41
CA ALA A 44 2.79 29.90 41.83
C ALA A 44 1.62 30.44 42.64
N ARG A 45 0.52 29.69 42.67
CA ARG A 45 -0.70 30.13 43.35
C ARG A 45 -0.87 29.39 44.65
N ILE A 46 0.10 28.55 44.99
CA ILE A 46 0.03 27.69 46.16
C ILE A 46 1.28 27.80 47.03
N GLY A 49 4.70 29.66 49.68
CA GLY A 49 6.10 29.31 49.71
C GLY A 49 6.86 29.86 48.52
N GLY A 50 6.31 29.65 47.33
CA GLY A 50 6.95 30.09 46.10
C GLY A 50 7.27 28.92 45.21
N ARG A 51 7.75 29.19 44.01
CA ARG A 51 8.13 28.13 43.08
C ARG A 51 9.58 27.72 43.29
N GLY A 52 10.08 27.93 44.51
CA GLY A 52 11.41 27.51 44.88
C GLY A 52 11.44 26.02 45.17
N GLY A 53 12.46 25.35 44.65
CA GLY A 53 12.58 23.91 44.77
C GLY A 53 12.23 23.24 43.45
N TRP A 54 11.69 24.02 42.53
CA TRP A 54 11.36 23.53 41.20
C TRP A 54 12.34 24.07 40.16
N GLU A 55 13.52 24.50 40.61
CA GLU A 55 14.53 25.03 39.70
C GLU A 55 15.04 23.96 38.75
N GLU A 56 15.38 22.79 39.30
CA GLU A 56 15.87 21.69 38.50
C GLU A 56 14.79 21.22 37.53
N TRP A 57 13.56 21.15 38.04
CA TRP A 57 12.40 20.78 37.25
C TRP A 57 12.23 21.70 36.05
N ASP A 58 12.30 23.00 36.31
CA ASP A 58 12.18 24.01 35.25
C ASP A 58 13.28 23.87 34.21
N LYS A 59 14.48 23.53 34.69
CA LYS A 59 15.63 23.43 33.81
C LYS A 59 15.48 22.29 32.82
N LYS A 60 14.96 21.16 33.29
CA LYS A 60 14.78 19.98 32.43
C LYS A 60 13.65 20.21 31.42
N ILE A 61 12.58 20.87 31.86
CA ILE A 61 11.50 21.26 30.97
C ILE A 61 12.09 22.04 29.81
N GLU A 62 12.84 23.08 30.15
CA GLU A 62 13.54 23.91 29.18
C GLU A 62 14.48 23.11 28.27
N GLU A 63 15.24 22.20 28.87
CA GLU A 63 16.19 21.38 28.12
C GLU A 63 15.50 20.54 27.06
N TYR A 64 14.47 19.81 27.45
CA TYR A 64 13.74 18.95 26.52
C TYR A 64 12.94 19.77 25.52
N THR A 65 12.39 20.89 25.99
CA THR A 65 11.61 21.77 25.13
C THR A 65 12.43 22.29 23.96
N LYS A 66 13.63 22.77 24.24
CA LYS A 66 14.50 23.29 23.20
C LYS A 66 14.88 22.18 22.23
N LYS A 67 15.16 21.01 22.79
CA LYS A 67 15.55 19.86 21.99
C LYS A 67 14.42 19.45 21.04
N ILE A 68 13.20 19.46 21.55
CA ILE A 68 12.02 19.14 20.75
C ILE A 68 11.85 20.12 19.59
N GLU A 69 11.89 21.40 19.91
CA GLU A 69 11.74 22.45 18.90
C GLU A 69 12.83 22.37 17.83
N GLU A 70 14.04 22.04 18.25
CA GLU A 70 15.13 21.83 17.30
C GLU A 70 14.81 20.64 16.40
N LEU A 71 14.40 19.54 17.01
CA LEU A 71 14.05 18.33 16.26
C LEU A 71 12.88 18.56 15.33
N ILE A 72 11.92 19.37 15.77
CA ILE A 72 10.76 19.70 14.96
C ILE A 72 11.14 20.52 13.73
N LYS A 73 11.92 21.59 13.94
CA LYS A 73 12.38 22.44 12.85
C LYS A 73 13.26 21.65 11.89
N LYS A 74 14.10 20.78 12.46
CA LYS A 74 14.97 19.91 11.68
C LYS A 74 14.16 18.95 10.81
N SER A 75 12.94 18.65 11.24
CA SER A 75 12.08 17.71 10.53
C SER A 75 11.23 18.42 9.48
N GLN A 76 11.01 19.72 9.68
CA GLN A 76 10.26 20.52 8.73
C GLN A 76 11.08 20.78 7.48
N ASN A 77 12.39 20.85 7.66
CA ASN A 77 13.32 21.05 6.55
C ASN A 77 13.45 19.77 5.72
N GLN A 78 13.68 18.66 6.41
CA GLN A 78 13.82 17.35 5.76
C GLN A 78 12.53 16.94 5.05
N GLN A 79 11.41 17.51 5.49
CA GLN A 79 10.10 17.19 4.97
C GLN A 79 9.91 17.58 3.50
N ILE A 80 9.37 16.66 2.71
CA ILE A 80 9.03 16.93 1.31
C ILE A 80 7.55 16.67 1.05
N ASP A 81 6.98 17.37 0.07
CA ASP A 81 5.58 17.20 -0.29
C ASP A 81 5.45 16.74 -1.74
N LEU A 82 5.27 15.44 -1.94
CA LEU A 82 5.22 14.86 -3.28
C LEU A 82 3.80 14.86 -3.85
N ALA B 4 17.61 4.43 -9.07
CA ALA B 4 18.64 3.86 -8.21
C ALA B 4 19.26 4.90 -7.28
N VAL B 5 19.96 5.87 -7.86
CA VAL B 5 20.48 7.01 -7.10
C VAL B 5 19.31 7.78 -6.51
N GLN B 6 18.24 7.87 -7.27
CA GLN B 6 17.02 8.53 -6.83
C GLN B 6 16.46 7.84 -5.61
N ALA B 7 16.10 6.57 -5.77
CA ALA B 7 15.46 5.80 -4.71
C ALA B 7 16.31 5.71 -3.44
N ARG B 8 17.63 5.66 -3.60
CA ARG B 8 18.52 5.63 -2.45
C ARG B 8 18.45 6.92 -1.65
N GLN B 9 18.47 8.06 -2.35
CA GLN B 9 18.40 9.36 -1.69
C GLN B 9 17.04 9.55 -1.03
N LEU B 10 16.01 9.02 -1.68
CA LEU B 10 14.66 9.15 -1.19
C LEU B 10 14.44 8.33 0.08
N LEU B 11 14.82 7.06 0.03
CA LEU B 11 14.63 6.16 1.18
C LEU B 11 15.50 6.55 2.36
N SER B 12 16.71 7.01 2.07
CA SER B 12 17.61 7.46 3.12
C SER B 12 17.05 8.71 3.80
N GLY B 13 16.50 9.60 3.00
CA GLY B 13 15.87 10.81 3.52
C GLY B 13 14.69 10.46 4.39
N ILE B 14 13.92 9.48 3.95
CA ILE B 14 12.76 9.01 4.70
C ILE B 14 13.20 8.38 6.03
N VAL B 15 14.22 7.53 5.96
CA VAL B 15 14.75 6.88 7.13
C VAL B 15 15.31 7.90 8.13
N GLN B 16 15.97 8.93 7.61
CA GLN B 16 16.52 9.99 8.44
C GLN B 16 15.44 10.73 9.22
N GLN B 17 14.33 11.05 8.55
CA GLN B 17 13.27 11.80 9.20
C GLN B 17 12.51 10.93 10.21
N GLN B 18 12.51 9.61 9.99
CA GLN B 18 11.93 8.69 10.95
C GLN B 18 12.69 8.76 12.27
N ASN B 19 14.01 8.91 12.17
CA ASN B 19 14.85 9.04 13.36
C ASN B 19 14.62 10.39 14.05
N ASN B 20 14.25 11.40 13.27
CA ASN B 20 13.92 12.71 13.82
C ASN B 20 12.60 12.68 14.58
N LEU B 21 11.60 12.03 13.99
CA LEU B 21 10.29 11.90 14.60
C LEU B 21 10.36 11.11 15.90
N LEU B 22 11.14 10.03 15.89
CA LEU B 22 11.29 9.18 17.07
C LEU B 22 11.98 9.91 18.22
N ARG B 23 13.04 10.64 17.89
CA ARG B 23 13.78 11.41 18.88
C ARG B 23 12.90 12.50 19.50
N ALA B 24 12.01 13.06 18.68
CA ALA B 24 11.07 14.06 19.15
C ALA B 24 10.07 13.43 20.11
N ILE B 25 9.60 12.24 19.76
CA ILE B 25 8.63 11.51 20.58
C ILE B 25 9.19 11.12 21.94
N GLU B 26 10.46 10.73 21.96
CA GLU B 26 11.13 10.38 23.20
C GLU B 26 11.28 11.61 24.08
N ALA B 27 11.65 12.73 23.48
CA ALA B 27 11.82 13.97 24.23
C ALA B 27 10.48 14.46 24.77
N GLN B 28 9.43 14.36 23.95
CA GLN B 28 8.08 14.71 24.37
C GLN B 28 7.63 13.87 25.55
N GLN B 29 8.04 12.61 25.56
CA GLN B 29 7.68 11.68 26.63
C GLN B 29 8.38 12.07 27.94
N HIS B 30 9.63 12.49 27.83
CA HIS B 30 10.37 12.96 29.00
C HIS B 30 9.72 14.22 29.53
N LEU B 31 9.25 15.06 28.62
CA LEU B 31 8.54 16.28 28.99
C LEU B 31 7.22 15.93 29.67
N LEU B 32 6.53 14.92 29.13
CA LEU B 32 5.24 14.49 29.65
C LEU B 32 5.35 13.96 31.07
N GLN B 33 6.37 13.15 31.33
CA GLN B 33 6.58 12.59 32.66
C GLN B 33 6.88 13.67 33.71
N LEU B 34 7.52 14.75 33.28
CA LEU B 34 7.80 15.87 34.17
C LEU B 34 6.51 16.58 34.55
N THR B 35 5.61 16.72 33.58
CA THR B 35 4.32 17.36 33.85
C THR B 35 3.45 16.50 34.76
N VAL B 36 3.54 15.19 34.59
CA VAL B 36 2.79 14.26 35.42
C VAL B 36 3.21 14.38 36.87
N TRP B 37 4.52 14.46 37.10
CA TRP B 37 5.07 14.63 38.43
C TRP B 37 4.58 15.92 39.07
N GLY B 38 4.59 16.99 38.29
CA GLY B 38 4.14 18.29 38.76
C GLY B 38 2.71 18.28 39.24
N ILE B 39 1.85 17.60 38.49
CA ILE B 39 0.45 17.47 38.86
C ILE B 39 0.29 16.66 40.13
N LYS B 40 0.98 15.53 40.20
CA LYS B 40 0.91 14.65 41.36
C LYS B 40 1.39 15.35 42.64
N GLN B 41 2.41 16.20 42.51
CA GLN B 41 2.91 16.97 43.63
C GLN B 41 1.92 18.03 44.08
N LEU B 42 1.14 18.56 43.14
CA LEU B 42 0.15 19.57 43.47
C LEU B 42 -1.09 18.96 44.12
N GLN B 43 -1.47 17.78 43.65
CA GLN B 43 -2.58 17.06 44.24
C GLN B 43 -2.23 16.64 45.66
N ALA B 44 -0.94 16.43 45.90
CA ALA B 44 -0.46 15.96 47.20
C ALA B 44 -0.37 17.08 48.24
N ARG B 45 -0.19 18.31 47.76
CA ARG B 45 -0.13 19.47 48.66
C ARG B 45 -1.52 19.96 49.05
N ILE B 46 -2.53 19.35 48.44
CA ILE B 46 -3.92 19.75 48.69
C ILE B 46 -4.79 18.53 48.99
N ARG B 51 -4.19 12.19 47.88
CA ARG B 51 -4.37 11.87 46.47
C ARG B 51 -5.35 10.73 46.27
N GLY B 52 -6.33 10.65 47.17
CA GLY B 52 -7.37 9.63 47.07
C GLY B 52 -8.44 10.03 46.08
N GLY B 53 -8.95 9.06 45.34
CA GLY B 53 -9.94 9.33 44.31
C GLY B 53 -9.26 9.45 42.96
N TRP B 54 -7.93 9.43 42.98
CA TRP B 54 -7.12 9.52 41.78
C TRP B 54 -6.41 8.20 41.51
N GLU B 55 -6.97 7.11 42.05
CA GLU B 55 -6.37 5.80 41.90
C GLU B 55 -6.44 5.33 40.45
N GLU B 56 -7.62 5.48 39.85
CA GLU B 56 -7.83 5.04 38.46
C GLU B 56 -7.00 5.89 37.51
N TRP B 57 -7.00 7.20 37.75
CA TRP B 57 -6.19 8.16 36.98
C TRP B 57 -4.73 7.74 36.97
N ASP B 58 -4.20 7.43 38.15
CA ASP B 58 -2.82 6.95 38.29
C ASP B 58 -2.58 5.69 37.47
N LYS B 59 -3.58 4.82 37.46
CA LYS B 59 -3.46 3.52 36.79
C LYS B 59 -3.36 3.67 35.27
N LYS B 60 -4.25 4.46 34.70
CA LYS B 60 -4.25 4.70 33.26
C LYS B 60 -2.94 5.36 32.80
N ILE B 61 -2.44 6.28 33.60
CA ILE B 61 -1.16 6.92 33.32
C ILE B 61 -0.06 5.86 33.23
N GLU B 62 -0.01 4.99 34.23
CA GLU B 62 0.94 3.90 34.26
C GLU B 62 0.78 2.99 33.06
N GLU B 63 -0.48 2.72 32.70
CA GLU B 63 -0.78 1.89 31.55
C GLU B 63 -0.23 2.48 30.25
N TYR B 64 -0.59 3.74 29.99
CA TYR B 64 -0.14 4.41 28.78
C TYR B 64 1.38 4.64 28.78
N THR B 65 1.91 4.99 29.94
CA THR B 65 3.35 5.23 30.08
C THR B 65 4.16 3.97 29.76
N LYS B 66 3.70 2.84 30.26
CA LYS B 66 4.37 1.57 29.99
C LYS B 66 4.31 1.26 28.50
N LYS B 67 3.15 1.43 27.91
CA LYS B 67 2.96 1.16 26.48
C LYS B 67 3.84 2.05 25.62
N ILE B 68 3.89 3.35 25.96
CA ILE B 68 4.74 4.29 25.23
C ILE B 68 6.21 3.90 25.31
N GLU B 69 6.67 3.58 26.52
CA GLU B 69 8.05 3.15 26.73
C GLU B 69 8.35 1.86 25.98
N GLU B 70 7.35 0.99 25.88
CA GLU B 70 7.49 -0.24 25.11
C GLU B 70 7.62 0.06 23.63
N LEU B 71 6.70 0.85 23.11
CA LEU B 71 6.70 1.23 21.70
C LEU B 71 7.96 2.00 21.31
N ILE B 72 8.45 2.84 22.22
CA ILE B 72 9.67 3.59 21.99
C ILE B 72 10.86 2.64 21.88
N LYS B 73 10.97 1.73 22.84
CA LYS B 73 12.02 0.71 22.82
C LYS B 73 11.92 -0.13 21.55
N LYS B 74 10.70 -0.46 21.16
CA LYS B 74 10.45 -1.25 19.97
C LYS B 74 10.85 -0.49 18.70
N SER B 75 10.78 0.84 18.78
CA SER B 75 11.15 1.69 17.64
C SER B 75 12.65 1.92 17.57
N GLN B 76 13.30 1.93 18.72
CA GLN B 76 14.75 2.12 18.78
C GLN B 76 15.49 0.97 18.10
N ASN B 77 14.94 -0.23 18.22
CA ASN B 77 15.55 -1.41 17.63
C ASN B 77 15.19 -1.54 16.15
N GLN B 78 13.99 -1.11 15.80
CA GLN B 78 13.55 -1.11 14.41
C GLN B 78 14.34 -0.06 13.60
N GLN B 79 14.80 0.95 14.31
CA GLN B 79 15.54 2.08 13.73
C GLN B 79 16.83 1.68 13.02
N ILE B 80 17.07 2.31 11.87
CA ILE B 80 18.33 2.12 11.15
C ILE B 80 18.98 3.45 10.79
N ASP B 81 20.31 3.51 10.90
CA ASP B 81 21.05 4.69 10.50
C ASP B 81 21.87 4.42 9.25
N LEU B 82 21.29 4.77 8.10
CA LEU B 82 21.91 4.49 6.81
C LEU B 82 23.11 5.39 6.52
N ALA C 4 15.27 -5.69 -5.38
CA ALA C 4 13.89 -6.10 -5.17
C ALA C 4 13.67 -6.61 -3.75
N VAL C 5 14.39 -7.67 -3.41
CA VAL C 5 14.36 -8.23 -2.06
C VAL C 5 14.81 -7.17 -1.06
N GLN C 6 15.85 -6.43 -1.45
CA GLN C 6 16.36 -5.34 -0.63
C GLN C 6 15.31 -4.26 -0.44
N ALA C 7 14.68 -3.88 -1.55
CA ALA C 7 13.69 -2.81 -1.53
C ALA C 7 12.49 -3.14 -0.65
N ARG C 8 11.93 -4.32 -0.84
CA ARG C 8 10.78 -4.75 -0.05
C ARG C 8 11.06 -4.72 1.45
N GLN C 9 12.19 -5.31 1.85
CA GLN C 9 12.55 -5.39 3.26
C GLN C 9 12.76 -4.01 3.87
N LEU C 10 13.41 -3.14 3.12
CA LEU C 10 13.66 -1.78 3.58
C LEU C 10 12.36 -0.99 3.68
N LEU C 11 11.48 -1.17 2.70
CA LEU C 11 10.20 -0.45 2.67
C LEU C 11 9.28 -0.92 3.78
N SER C 12 9.14 -2.24 3.92
CA SER C 12 8.30 -2.81 4.97
C SER C 12 8.78 -2.39 6.35
N GLY C 13 10.09 -2.41 6.55
CA GLY C 13 10.69 -1.99 7.80
C GLY C 13 10.33 -0.54 8.12
N ILE C 14 10.31 0.28 7.08
CA ILE C 14 9.92 1.68 7.22
C ILE C 14 8.44 1.79 7.58
N VAL C 15 7.61 0.99 6.92
CA VAL C 15 6.18 0.96 7.18
C VAL C 15 5.88 0.51 8.61
N GLN C 16 6.60 -0.51 9.08
CA GLN C 16 6.45 -0.99 10.44
C GLN C 16 6.84 0.09 11.45
N GLN C 17 7.96 0.75 11.19
CA GLN C 17 8.45 1.83 12.05
C GLN C 17 7.42 2.95 12.19
N GLN C 18 6.76 3.27 11.09
CA GLN C 18 5.75 4.33 11.09
C GLN C 18 4.53 3.95 11.94
N ASN C 19 4.12 2.70 11.87
CA ASN C 19 2.99 2.24 12.66
C ASN C 19 3.30 2.27 14.16
N ASN C 20 4.57 2.05 14.48
CA ASN C 20 5.02 2.15 15.87
C ASN C 20 5.06 3.60 16.36
N LEU C 21 5.51 4.49 15.48
CA LEU C 21 5.57 5.91 15.81
C LEU C 21 4.17 6.46 16.01
N LEU C 22 3.24 6.02 15.16
CA LEU C 22 1.84 6.46 15.25
C LEU C 22 1.19 5.98 16.55
N ARG C 23 1.42 4.73 16.88
CA ARG C 23 0.86 4.13 18.09
C ARG C 23 1.36 4.86 19.33
N ALA C 24 2.64 5.23 19.31
CA ALA C 24 3.23 5.98 20.41
C ALA C 24 2.59 7.36 20.53
N ILE C 25 2.35 7.99 19.39
CA ILE C 25 1.71 9.30 19.36
C ILE C 25 0.29 9.25 19.92
N GLU C 26 -0.42 8.17 19.62
CA GLU C 26 -1.77 7.99 20.12
C GLU C 26 -1.78 7.83 21.63
N ALA C 27 -0.90 6.99 22.15
CA ALA C 27 -0.80 6.76 23.58
C ALA C 27 -0.32 8.00 24.32
N GLN C 28 0.55 8.78 23.69
CA GLN C 28 0.97 10.06 24.26
C GLN C 28 -0.17 11.05 24.31
N GLN C 29 -1.05 10.98 23.31
CA GLN C 29 -2.24 11.84 23.28
C GLN C 29 -3.19 11.49 24.44
N HIS C 30 -3.40 10.19 24.63
CA HIS C 30 -4.21 9.70 25.73
C HIS C 30 -3.59 10.14 27.05
N LEU C 31 -2.27 10.10 27.11
CA LEU C 31 -1.55 10.51 28.31
C LEU C 31 -1.70 12.01 28.53
N LEU C 32 -1.67 12.78 27.45
CA LEU C 32 -1.75 14.23 27.54
C LEU C 32 -3.13 14.71 27.99
N GLN C 33 -4.18 14.02 27.54
CA GLN C 33 -5.54 14.37 27.94
C GLN C 33 -5.77 14.13 29.42
N LEU C 34 -5.08 13.15 29.98
CA LEU C 34 -5.17 12.85 31.41
C LEU C 34 -4.54 13.97 32.23
N THR C 35 -3.43 14.51 31.73
CA THR C 35 -2.76 15.61 32.42
C THR C 35 -3.58 16.89 32.34
N VAL C 36 -4.27 17.08 31.21
CA VAL C 36 -5.13 18.25 31.03
C VAL C 36 -6.24 18.25 32.07
N TRP C 37 -6.92 17.11 32.22
CA TRP C 37 -7.96 16.97 33.23
C TRP C 37 -7.40 17.20 34.63
N GLY C 38 -6.24 16.62 34.89
CA GLY C 38 -5.57 16.77 36.17
C GLY C 38 -5.37 18.23 36.53
N ILE C 39 -4.91 19.01 35.56
CA ILE C 39 -4.71 20.43 35.76
C ILE C 39 -6.04 21.14 35.96
N LYS C 40 -7.01 20.80 35.12
CA LYS C 40 -8.32 21.42 35.18
C LYS C 40 -9.00 21.18 36.53
N GLN C 41 -8.83 19.98 37.08
CA GLN C 41 -9.40 19.67 38.38
C GLN C 41 -8.69 20.39 39.52
N LEU C 42 -7.41 20.69 39.34
CA LEU C 42 -6.67 21.45 40.33
C LEU C 42 -7.11 22.90 40.31
N GLN C 43 -7.31 23.44 39.12
CA GLN C 43 -7.74 24.81 38.95
C GLN C 43 -9.13 25.03 39.56
N ALA C 44 -9.96 24.00 39.49
CA ALA C 44 -11.30 24.06 40.04
C ALA C 44 -11.29 23.98 41.56
N ARG C 45 -10.28 23.31 42.11
CA ARG C 45 -10.12 23.17 43.56
C ARG C 45 -9.50 24.41 44.17
N ILE C 46 -9.16 25.39 43.34
CA ILE C 46 -8.52 26.62 43.81
C ILE C 46 -9.14 27.87 43.19
N GLY C 49 -11.88 31.49 43.10
CA GLY C 49 -12.49 32.30 42.06
C GLY C 49 -13.12 31.46 40.96
N GLY C 50 -12.60 30.26 40.76
CA GLY C 50 -13.12 29.36 39.75
C GLY C 50 -12.10 29.09 38.66
N ARG C 51 -12.58 28.70 37.49
CA ARG C 51 -11.70 28.49 36.35
C ARG C 51 -11.86 29.63 35.34
N GLY C 52 -12.20 30.81 35.86
CA GLY C 52 -12.34 32.00 35.05
C GLY C 52 -11.00 32.68 34.84
N GLY C 53 -10.73 33.07 33.59
CA GLY C 53 -9.43 33.61 33.22
C GLY C 53 -8.69 32.59 32.40
N TRP C 54 -9.23 31.37 32.34
CA TRP C 54 -8.63 30.29 31.58
C TRP C 54 -9.51 29.89 30.41
N GLU C 55 -10.40 30.78 30.00
CA GLU C 55 -11.28 30.53 28.87
C GLU C 55 -10.49 30.40 27.58
N GLU C 56 -9.50 31.28 27.41
CA GLU C 56 -8.67 31.27 26.23
C GLU C 56 -7.76 30.05 26.23
N TRP C 57 -7.21 29.73 27.40
CA TRP C 57 -6.39 28.54 27.60
C TRP C 57 -7.19 27.28 27.25
N ASP C 58 -8.42 27.22 27.75
CA ASP C 58 -9.33 26.12 27.44
C ASP C 58 -9.56 26.00 25.94
N LYS C 59 -9.68 27.15 25.28
CA LYS C 59 -9.96 27.21 23.85
C LYS C 59 -8.86 26.56 23.02
N LYS C 60 -7.62 27.00 23.21
CA LYS C 60 -6.49 26.48 22.45
C LYS C 60 -6.31 24.97 22.65
N ILE C 61 -6.57 24.49 23.86
CA ILE C 61 -6.50 23.06 24.15
C ILE C 61 -7.50 22.31 23.31
N GLU C 62 -8.73 22.81 23.26
CA GLU C 62 -9.78 22.24 22.43
C GLU C 62 -9.36 22.28 20.97
N GLU C 63 -8.71 23.37 20.58
CA GLU C 63 -8.25 23.55 19.21
C GLU C 63 -7.21 22.51 18.82
N TYR C 64 -6.15 22.42 19.62
CA TYR C 64 -5.06 21.49 19.34
C TYR C 64 -5.49 20.04 19.51
N THR C 65 -6.32 19.77 20.51
CA THR C 65 -6.84 18.43 20.74
C THR C 65 -7.62 17.93 19.53
N LYS C 66 -8.49 18.80 19.01
CA LYS C 66 -9.27 18.48 17.81
C LYS C 66 -8.33 18.21 16.64
N LYS C 67 -7.33 19.07 16.48
CA LYS C 67 -6.39 18.95 15.37
C LYS C 67 -5.58 17.66 15.47
N ILE C 68 -5.17 17.31 16.68
CA ILE C 68 -4.41 16.07 16.90
C ILE C 68 -5.25 14.84 16.56
N GLU C 69 -6.50 14.83 17.04
CA GLU C 69 -7.40 13.72 16.79
C GLU C 69 -7.70 13.56 15.31
N GLU C 70 -7.84 14.68 14.62
CA GLU C 70 -8.05 14.65 13.17
C GLU C 70 -6.85 14.01 12.49
N LEU C 71 -5.66 14.51 12.83
CA LEU C 71 -4.42 14.02 12.23
C LEU C 71 -4.18 12.55 12.54
N ILE C 72 -4.64 12.09 13.71
CA ILE C 72 -4.47 10.71 14.10
C ILE C 72 -5.37 9.77 13.30
N LYS C 73 -6.65 10.10 13.21
CA LYS C 73 -7.59 9.34 12.40
C LYS C 73 -7.14 9.33 10.94
N LYS C 74 -6.65 10.48 10.50
CA LYS C 74 -6.10 10.66 9.17
C LYS C 74 -4.95 9.69 8.92
N SER C 75 -4.15 9.46 9.96
CA SER C 75 -2.98 8.59 9.87
C SER C 75 -3.36 7.12 9.95
N GLN C 76 -4.49 6.85 10.61
CA GLN C 76 -4.99 5.49 10.74
C GLN C 76 -5.51 4.97 9.41
N ASN C 77 -6.17 5.84 8.65
CA ASN C 77 -6.75 5.46 7.37
C ASN C 77 -5.70 5.40 6.27
N GLN C 78 -4.57 6.05 6.50
CA GLN C 78 -3.47 6.07 5.55
C GLN C 78 -2.50 4.92 5.82
N GLN C 79 -2.41 4.52 7.08
CA GLN C 79 -1.51 3.45 7.50
C GLN C 79 -1.80 2.10 6.87
N ILE C 80 -0.74 1.39 6.49
CA ILE C 80 -0.86 0.06 5.92
C ILE C 80 -0.16 -0.98 6.78
N ASP C 81 -0.74 -2.17 6.87
CA ASP C 81 -0.14 -3.27 7.61
C ASP C 81 0.40 -4.32 6.65
N LEU C 82 1.61 -4.09 6.14
CA LEU C 82 2.25 -5.05 5.24
C LEU C 82 2.60 -6.32 5.99
N ALA D 4 3.73 -21.56 -53.99
CA ALA D 4 4.87 -20.91 -53.36
C ALA D 4 4.50 -19.53 -52.84
N VAL D 5 3.93 -18.71 -53.73
CA VAL D 5 3.48 -17.38 -53.35
C VAL D 5 2.37 -17.50 -52.32
N GLN D 6 1.53 -18.51 -52.50
CA GLN D 6 0.45 -18.80 -51.58
C GLN D 6 0.98 -19.05 -50.18
N ALA D 7 1.93 -19.97 -50.08
CA ALA D 7 2.47 -20.39 -48.80
C ALA D 7 3.20 -19.26 -48.08
N ARG D 8 4.05 -18.55 -48.82
CA ARG D 8 4.80 -17.43 -48.26
C ARG D 8 3.90 -16.37 -47.65
N GLN D 9 2.84 -16.01 -48.38
CA GLN D 9 1.90 -15.01 -47.91
C GLN D 9 1.10 -15.52 -46.72
N LEU D 10 0.76 -16.80 -46.77
CA LEU D 10 -0.04 -17.43 -45.73
C LEU D 10 0.76 -17.64 -44.45
N LEU D 11 2.02 -18.04 -44.60
CA LEU D 11 2.87 -18.32 -43.45
C LEU D 11 3.29 -17.05 -42.72
N SER D 12 3.63 -16.02 -43.48
CA SER D 12 4.05 -14.75 -42.88
C SER D 12 2.88 -14.11 -42.14
N GLY D 13 1.69 -14.25 -42.70
CA GLY D 13 0.47 -13.76 -42.07
C GLY D 13 0.27 -14.42 -40.72
N ILE D 14 0.57 -15.72 -40.65
CA ILE D 14 0.47 -16.47 -39.41
C ILE D 14 1.54 -16.02 -38.42
N VAL D 15 2.72 -15.72 -38.95
CA VAL D 15 3.80 -15.19 -38.13
C VAL D 15 3.44 -13.82 -37.56
N GLN D 16 2.77 -13.01 -38.38
CA GLN D 16 2.33 -11.69 -37.94
C GLN D 16 1.27 -11.79 -36.85
N GLN D 17 0.34 -12.72 -37.02
CA GLN D 17 -0.70 -12.95 -36.02
C GLN D 17 -0.10 -13.39 -34.69
N GLN D 18 0.90 -14.27 -34.75
CA GLN D 18 1.56 -14.76 -33.56
C GLN D 18 2.20 -13.63 -32.77
N ASN D 19 2.87 -12.73 -33.49
CA ASN D 19 3.51 -11.59 -32.85
C ASN D 19 2.50 -10.66 -32.20
N ASN D 20 1.34 -10.53 -32.82
CA ASN D 20 0.25 -9.75 -32.23
C ASN D 20 -0.29 -10.38 -30.94
N LEU D 21 -0.49 -11.69 -30.97
CA LEU D 21 -0.99 -12.42 -29.81
C LEU D 21 0.00 -12.33 -28.65
N LEU D 22 1.29 -12.40 -28.97
CA LEU D 22 2.32 -12.31 -27.95
C LEU D 22 2.31 -10.94 -27.27
N ARG D 23 2.24 -9.90 -28.09
CA ARG D 23 2.22 -8.54 -27.57
C ARG D 23 0.97 -8.28 -26.72
N ALA D 24 -0.13 -8.95 -27.09
CA ALA D 24 -1.36 -8.86 -26.34
C ALA D 24 -1.18 -9.49 -24.97
N ILE D 25 -0.52 -10.65 -24.95
CA ILE D 25 -0.26 -11.37 -23.70
C ILE D 25 0.65 -10.57 -22.77
N GLU D 26 1.66 -9.93 -23.35
CA GLU D 26 2.59 -9.11 -22.59
C GLU D 26 1.87 -7.94 -21.94
N ALA D 27 1.01 -7.29 -22.71
CA ALA D 27 0.26 -6.14 -22.20
C ALA D 27 -0.76 -6.57 -21.15
N GLN D 28 -1.38 -7.72 -21.36
CA GLN D 28 -2.31 -8.27 -20.37
C GLN D 28 -1.60 -8.57 -19.06
N GLN D 29 -0.37 -9.05 -19.16
CA GLN D 29 0.43 -9.39 -17.99
C GLN D 29 0.79 -8.15 -17.19
N HIS D 30 1.13 -7.08 -17.90
CA HIS D 30 1.40 -5.80 -17.27
C HIS D 30 0.16 -5.34 -16.53
N LEU D 31 -0.99 -5.57 -17.15
CA LEU D 31 -2.27 -5.17 -16.58
C LEU D 31 -2.57 -6.01 -15.33
N LEU D 32 -2.29 -7.31 -15.42
CA LEU D 32 -2.51 -8.22 -14.31
C LEU D 32 -1.67 -7.85 -13.09
N GLN D 33 -0.43 -7.43 -13.33
CA GLN D 33 0.48 -7.05 -12.26
C GLN D 33 -0.01 -5.82 -11.50
N LEU D 34 -0.68 -4.91 -12.20
CA LEU D 34 -1.23 -3.72 -11.58
C LEU D 34 -2.41 -4.07 -10.69
N THR D 35 -3.24 -5.00 -11.16
CA THR D 35 -4.40 -5.45 -10.40
C THR D 35 -3.96 -6.18 -9.13
N VAL D 36 -2.89 -6.95 -9.24
CA VAL D 36 -2.32 -7.64 -8.08
C VAL D 36 -1.87 -6.65 -7.02
N TRP D 37 -1.16 -5.61 -7.46
CA TRP D 37 -0.69 -4.57 -6.55
C TRP D 37 -1.84 -3.86 -5.84
N GLY D 38 -2.87 -3.50 -6.61
CA GLY D 38 -4.04 -2.85 -6.07
C GLY D 38 -4.70 -3.67 -4.98
N ILE D 39 -4.83 -4.97 -5.24
CA ILE D 39 -5.40 -5.90 -4.26
C ILE D 39 -4.55 -5.97 -3.01
N LYS D 40 -3.25 -6.15 -3.18
CA LYS D 40 -2.33 -6.25 -2.06
C LYS D 40 -2.36 -4.97 -1.23
N GLN D 41 -2.55 -3.83 -1.88
CA GLN D 41 -2.65 -2.56 -1.19
C GLN D 41 -3.93 -2.43 -0.38
N LEU D 42 -5.04 -2.93 -0.92
CA LEU D 42 -6.32 -2.89 -0.21
C LEU D 42 -6.30 -3.81 1.00
N GLN D 43 -5.64 -4.95 0.85
CA GLN D 43 -5.50 -5.91 1.95
C GLN D 43 -4.68 -5.31 3.08
N ALA D 44 -3.62 -4.60 2.72
CA ALA D 44 -2.73 -4.00 3.70
C ALA D 44 -3.38 -2.80 4.38
N ARG D 45 -4.35 -2.18 3.69
CA ARG D 45 -5.03 -1.00 4.22
C ARG D 45 -6.09 -1.40 5.25
N ILE D 46 -6.41 -2.69 5.29
CA ILE D 46 -7.46 -3.19 6.17
C ILE D 46 -6.94 -4.21 7.17
N GLY D 49 -5.12 -7.12 11.50
CA GLY D 49 -4.03 -7.87 10.90
C GLY D 49 -4.08 -7.79 9.39
N GLY D 50 -2.94 -7.50 8.77
CA GLY D 50 -2.90 -7.32 7.33
C GLY D 50 -1.96 -8.29 6.63
N ARG D 51 -2.40 -8.79 5.48
CA ARG D 51 -1.59 -9.66 4.62
C ARG D 51 -1.18 -10.99 5.26
N GLY D 52 -1.54 -11.17 6.53
CA GLY D 52 -1.29 -12.42 7.23
C GLY D 52 -2.42 -13.39 6.97
N GLY D 53 -2.09 -14.56 6.43
CA GLY D 53 -3.08 -15.52 6.01
C GLY D 53 -3.11 -15.57 4.49
N TRP D 54 -2.39 -14.63 3.88
CA TRP D 54 -2.28 -14.55 2.43
C TRP D 54 -0.89 -14.96 1.97
N GLU D 55 -0.18 -15.72 2.80
CA GLU D 55 1.19 -16.12 2.48
C GLU D 55 1.21 -17.06 1.28
N GLU D 56 0.30 -18.02 1.28
CA GLU D 56 0.23 -18.99 0.21
C GLU D 56 -0.20 -18.33 -1.10
N TRP D 57 -1.24 -17.51 -1.01
CA TRP D 57 -1.79 -16.75 -2.13
C TRP D 57 -0.68 -15.96 -2.82
N ASP D 58 0.12 -15.27 -2.00
CA ASP D 58 1.25 -14.49 -2.51
C ASP D 58 2.27 -15.38 -3.22
N LYS D 59 2.49 -16.57 -2.66
CA LYS D 59 3.48 -17.47 -3.22
C LYS D 59 3.04 -17.99 -4.60
N LYS D 60 1.77 -18.36 -4.70
CA LYS D 60 1.22 -18.86 -5.96
C LYS D 60 1.21 -17.77 -7.03
N ILE D 61 0.95 -16.54 -6.62
CA ILE D 61 1.03 -15.42 -7.54
C ILE D 61 2.46 -15.27 -8.04
N GLU D 62 3.41 -15.37 -7.10
CA GLU D 62 4.82 -15.34 -7.44
C GLU D 62 5.19 -16.48 -8.39
N GLU D 63 4.63 -17.66 -8.13
CA GLU D 63 4.89 -18.84 -8.94
C GLU D 63 4.43 -18.64 -10.39
N TYR D 64 3.17 -18.27 -10.55
CA TYR D 64 2.60 -18.11 -11.89
C TYR D 64 3.21 -16.91 -12.61
N THR D 65 3.53 -15.86 -11.87
CA THR D 65 4.15 -14.66 -12.44
C THR D 65 5.51 -14.99 -13.05
N LYS D 66 6.33 -15.71 -12.28
CA LYS D 66 7.65 -16.13 -12.73
C LYS D 66 7.54 -16.98 -13.99
N LYS D 67 6.59 -17.91 -13.98
CA LYS D 67 6.38 -18.79 -15.13
C LYS D 67 5.97 -18.00 -16.38
N ILE D 68 5.02 -17.09 -16.20
CA ILE D 68 4.55 -16.25 -17.30
C ILE D 68 5.69 -15.43 -17.90
N GLU D 69 6.45 -14.77 -17.02
CA GLU D 69 7.60 -13.98 -17.44
C GLU D 69 8.61 -14.83 -18.20
N GLU D 70 8.77 -16.08 -17.76
CA GLU D 70 9.67 -16.99 -18.45
C GLU D 70 9.12 -17.35 -19.83
N LEU D 71 7.87 -17.79 -19.87
CA LEU D 71 7.21 -18.16 -21.11
C LEU D 71 7.22 -17.02 -22.13
N ILE D 72 7.04 -15.80 -21.64
CA ILE D 72 7.02 -14.63 -22.50
C ILE D 72 8.39 -14.38 -23.14
N LYS D 73 9.44 -14.40 -22.34
CA LYS D 73 10.80 -14.22 -22.84
C LYS D 73 11.18 -15.33 -23.80
N LYS D 74 10.77 -16.56 -23.47
CA LYS D 74 11.00 -17.72 -24.32
C LYS D 74 10.26 -17.57 -25.66
N SER D 75 9.16 -16.83 -25.64
CA SER D 75 8.40 -16.56 -26.85
C SER D 75 9.01 -15.41 -27.63
N GLN D 76 9.63 -14.49 -26.92
CA GLN D 76 10.30 -13.35 -27.54
C GLN D 76 11.50 -13.80 -28.35
N ASN D 77 12.24 -14.76 -27.83
CA ASN D 77 13.41 -15.30 -28.52
C ASN D 77 13.00 -16.15 -29.72
N GLN D 78 11.96 -16.94 -29.54
CA GLN D 78 11.45 -17.81 -30.60
C GLN D 78 10.88 -17.01 -31.78
N GLN D 79 10.37 -15.82 -31.47
CA GLN D 79 9.64 -14.99 -32.43
C GLN D 79 10.51 -14.39 -33.54
N ILE D 80 9.95 -14.33 -34.75
CA ILE D 80 10.62 -13.76 -35.90
C ILE D 80 9.77 -12.69 -36.59
N ASP D 81 10.43 -11.72 -37.20
CA ASP D 81 9.73 -10.68 -37.96
C ASP D 81 10.07 -10.79 -39.44
N LEU D 82 9.19 -11.43 -40.20
CA LEU D 82 9.43 -11.67 -41.62
C LEU D 82 9.17 -10.43 -42.47
N ALA E 4 11.54 -27.17 -48.48
CA ALA E 4 11.09 -28.36 -47.78
C ALA E 4 11.68 -28.41 -46.37
N VAL E 5 13.00 -28.37 -46.28
CA VAL E 5 13.68 -28.29 -45.00
C VAL E 5 13.36 -26.94 -44.38
N GLN E 6 13.20 -25.95 -45.24
CA GLN E 6 12.87 -24.59 -44.80
C GLN E 6 11.45 -24.51 -44.24
N ALA E 7 10.53 -25.18 -44.91
CA ALA E 7 9.12 -25.16 -44.50
C ALA E 7 8.91 -25.91 -43.19
N ARG E 8 9.59 -27.05 -43.05
CA ARG E 8 9.51 -27.84 -41.83
C ARG E 8 9.98 -27.04 -40.62
N GLN E 9 11.15 -26.41 -40.75
CA GLN E 9 11.73 -25.63 -39.67
C GLN E 9 10.83 -24.45 -39.33
N LEU E 10 10.28 -23.82 -40.37
CA LEU E 10 9.41 -22.68 -40.19
C LEU E 10 8.11 -23.08 -39.49
N LEU E 11 7.50 -24.16 -39.95
CA LEU E 11 6.23 -24.61 -39.39
C LEU E 11 6.39 -25.15 -37.99
N SER E 12 7.49 -25.85 -37.74
CA SER E 12 7.77 -26.38 -36.41
C SER E 12 7.97 -25.25 -35.42
N GLY E 13 8.73 -24.24 -35.82
CA GLY E 13 8.98 -23.07 -34.99
C GLY E 13 7.68 -22.37 -34.64
N ILE E 14 6.77 -22.34 -35.61
CA ILE E 14 5.46 -21.74 -35.41
C ILE E 14 4.64 -22.55 -34.40
N VAL E 15 4.63 -23.86 -34.57
CA VAL E 15 3.94 -24.76 -33.65
C VAL E 15 4.48 -24.65 -32.23
N GLN E 16 5.81 -24.57 -32.11
CA GLN E 16 6.46 -24.37 -30.82
C GLN E 16 6.00 -23.07 -30.18
N GLN E 17 5.99 -22.01 -30.99
CA GLN E 17 5.57 -20.69 -30.50
C GLN E 17 4.13 -20.69 -30.02
N GLN E 18 3.28 -21.43 -30.72
CA GLN E 18 1.88 -21.55 -30.33
C GLN E 18 1.73 -22.20 -28.95
N ASN E 19 2.51 -23.24 -28.70
CA ASN E 19 2.46 -23.93 -27.43
C ASN E 19 2.96 -23.03 -26.29
N ASN E 20 3.91 -22.16 -26.60
CA ASN E 20 4.39 -21.17 -25.63
C ASN E 20 3.29 -20.17 -25.27
N LEU E 21 2.59 -19.68 -26.28
CA LEU E 21 1.52 -18.71 -26.09
C LEU E 21 0.35 -19.30 -25.29
N LEU E 22 0.00 -20.54 -25.61
CA LEU E 22 -1.08 -21.23 -24.88
C LEU E 22 -0.72 -21.39 -23.41
N ARG E 23 0.53 -21.79 -23.16
CA ARG E 23 1.03 -21.95 -21.80
C ARG E 23 0.97 -20.64 -21.03
N ALA E 24 1.32 -19.55 -21.69
CA ALA E 24 1.23 -18.23 -21.09
C ALA E 24 -0.21 -17.90 -20.73
N ILE E 25 -1.13 -18.22 -21.62
CA ILE E 25 -2.54 -17.96 -21.41
C ILE E 25 -3.11 -18.72 -20.20
N GLU E 26 -2.73 -19.98 -20.06
CA GLU E 26 -3.20 -20.80 -18.95
C GLU E 26 -2.66 -20.27 -17.62
N ALA E 27 -1.39 -19.89 -17.62
CA ALA E 27 -0.76 -19.38 -16.41
C ALA E 27 -1.34 -18.02 -16.03
N GLN E 28 -1.66 -17.21 -17.03
CA GLN E 28 -2.31 -15.92 -16.79
C GLN E 28 -3.73 -16.12 -16.28
N GLN E 29 -4.35 -17.22 -16.68
CA GLN E 29 -5.69 -17.55 -16.24
C GLN E 29 -5.68 -17.95 -14.76
N HIS E 30 -4.70 -18.74 -14.38
CA HIS E 30 -4.52 -19.12 -12.98
C HIS E 30 -4.25 -17.87 -12.14
N LEU E 31 -3.49 -16.94 -12.70
CA LEU E 31 -3.20 -15.69 -12.03
C LEU E 31 -4.46 -14.85 -11.88
N LEU E 32 -5.27 -14.82 -12.93
CA LEU E 32 -6.51 -14.07 -12.94
C LEU E 32 -7.50 -14.56 -11.89
N GLN E 33 -7.59 -15.88 -11.75
CA GLN E 33 -8.49 -16.48 -10.77
C GLN E 33 -8.08 -16.17 -9.33
N LEU E 34 -6.78 -16.01 -9.11
CA LEU E 34 -6.26 -15.64 -7.80
C LEU E 34 -6.64 -14.19 -7.48
N THR E 35 -6.57 -13.33 -8.49
CA THR E 35 -6.96 -11.94 -8.29
C THR E 35 -8.46 -11.83 -8.03
N VAL E 36 -9.24 -12.64 -8.73
CA VAL E 36 -10.70 -12.63 -8.54
C VAL E 36 -11.05 -13.03 -7.10
N TRP E 37 -10.39 -14.07 -6.60
CA TRP E 37 -10.58 -14.50 -5.23
C TRP E 37 -10.24 -13.39 -4.24
N GLY E 38 -9.09 -12.76 -4.45
CA GLY E 38 -8.62 -11.69 -3.58
C GLY E 38 -9.61 -10.56 -3.47
N ILE E 39 -10.24 -10.24 -4.60
CA ILE E 39 -11.25 -9.18 -4.65
C ILE E 39 -12.53 -9.62 -3.94
N LYS E 40 -12.97 -10.84 -4.24
CA LYS E 40 -14.19 -11.39 -3.63
C LYS E 40 -14.10 -11.45 -2.12
N GLN E 41 -12.91 -11.76 -1.60
CA GLN E 41 -12.69 -11.79 -0.17
C GLN E 41 -12.69 -10.39 0.43
N LEU E 42 -12.14 -9.43 -0.30
CA LEU E 42 -12.11 -8.05 0.18
C LEU E 42 -13.52 -7.45 0.23
N GLN E 43 -14.33 -7.77 -0.77
CA GLN E 43 -15.71 -7.31 -0.81
C GLN E 43 -16.47 -7.88 0.39
N ALA E 44 -16.15 -9.11 0.75
CA ALA E 44 -16.82 -9.79 1.85
C ALA E 44 -16.44 -9.21 3.21
N ARG E 45 -15.21 -8.75 3.33
CA ARG E 45 -14.73 -8.15 4.58
C ARG E 45 -15.44 -6.84 4.88
N ILE E 46 -15.94 -6.19 3.83
CA ILE E 46 -16.55 -4.87 3.95
C ILE E 46 -18.06 -4.91 3.65
N GLY E 49 -21.53 -4.27 4.75
CA GLY E 49 -22.68 -4.16 3.88
C GLY E 49 -23.11 -5.50 3.30
N GLY E 50 -22.17 -6.20 2.69
CA GLY E 50 -22.42 -7.49 2.09
C GLY E 50 -21.83 -7.58 0.70
N ARG E 51 -22.01 -8.72 0.04
CA ARG E 51 -21.58 -8.88 -1.34
C ARG E 51 -22.76 -8.80 -2.30
N GLY E 52 -23.87 -8.28 -1.81
CA GLY E 52 -25.03 -8.04 -2.65
C GLY E 52 -24.81 -6.83 -3.51
N GLY E 53 -25.40 -6.84 -4.71
CA GLY E 53 -25.18 -5.78 -5.69
C GLY E 53 -24.10 -6.20 -6.66
N TRP E 54 -23.44 -7.31 -6.35
CA TRP E 54 -22.37 -7.85 -7.18
C TRP E 54 -22.77 -9.17 -7.83
N GLU E 55 -24.07 -9.47 -7.86
CA GLU E 55 -24.52 -10.72 -8.46
C GLU E 55 -24.30 -10.73 -9.97
N GLU E 56 -24.52 -9.57 -10.61
CA GLU E 56 -24.31 -9.46 -12.04
C GLU E 56 -22.82 -9.59 -12.35
N TRP E 57 -22.00 -8.96 -11.52
CA TRP E 57 -20.55 -9.03 -11.60
C TRP E 57 -20.07 -10.48 -11.47
N ASP E 58 -20.59 -11.18 -10.46
CA ASP E 58 -20.26 -12.58 -10.24
C ASP E 58 -20.65 -13.42 -11.44
N LYS E 59 -21.81 -13.12 -12.01
CA LYS E 59 -22.33 -13.88 -13.14
C LYS E 59 -21.42 -13.78 -14.35
N LYS E 60 -21.03 -12.56 -14.70
CA LYS E 60 -20.21 -12.30 -15.87
C LYS E 60 -18.85 -12.95 -15.75
N ILE E 61 -18.26 -12.86 -14.56
CA ILE E 61 -16.98 -13.50 -14.29
C ILE E 61 -17.08 -15.00 -14.51
N GLU E 62 -18.16 -15.59 -14.01
CA GLU E 62 -18.44 -17.01 -14.21
C GLU E 62 -18.56 -17.35 -15.69
N GLU E 63 -19.31 -16.52 -16.41
CA GLU E 63 -19.50 -16.70 -17.84
C GLU E 63 -18.17 -16.73 -18.60
N TYR E 64 -17.37 -15.69 -18.43
CA TYR E 64 -16.09 -15.57 -19.11
C TYR E 64 -15.11 -16.64 -18.66
N THR E 65 -15.14 -16.98 -17.38
CA THR E 65 -14.24 -18.01 -16.84
C THR E 65 -14.52 -19.36 -17.49
N LYS E 66 -15.80 -19.73 -17.55
CA LYS E 66 -16.21 -20.96 -18.19
C LYS E 66 -15.81 -20.95 -19.66
N LYS E 67 -15.97 -19.80 -20.30
CA LYS E 67 -15.61 -19.65 -21.70
C LYS E 67 -14.11 -19.83 -21.93
N ILE E 68 -13.31 -19.18 -21.08
CA ILE E 68 -11.86 -19.31 -21.17
C ILE E 68 -11.41 -20.75 -20.96
N GLU E 69 -11.93 -21.37 -19.91
CA GLU E 69 -11.59 -22.75 -19.58
C GLU E 69 -11.95 -23.70 -20.72
N GLU E 70 -13.05 -23.40 -21.41
CA GLU E 70 -13.44 -24.18 -22.57
C GLU E 70 -12.42 -24.00 -23.68
N LEU E 71 -12.14 -22.74 -24.01
CA LEU E 71 -11.23 -22.42 -25.10
C LEU E 71 -9.83 -22.97 -24.88
N ILE E 72 -9.39 -22.99 -23.63
CA ILE E 72 -8.07 -23.50 -23.28
C ILE E 72 -7.96 -25.00 -23.53
N LYS E 73 -8.93 -25.75 -23.01
CA LYS E 73 -8.98 -27.20 -23.20
C LYS E 73 -9.06 -27.53 -24.67
N LYS E 74 -9.90 -26.79 -25.39
CA LYS E 74 -10.06 -26.93 -26.83
C LYS E 74 -8.75 -26.66 -27.57
N SER E 75 -7.90 -25.82 -26.98
CA SER E 75 -6.60 -25.51 -27.56
C SER E 75 -5.56 -26.55 -27.18
N GLN E 76 -5.77 -27.20 -26.04
CA GLN E 76 -4.87 -28.25 -25.58
C GLN E 76 -5.01 -29.49 -26.43
N ASN E 77 -6.22 -29.72 -26.95
CA ASN E 77 -6.47 -30.84 -27.83
C ASN E 77 -5.95 -30.57 -29.24
N GLN E 78 -6.08 -29.32 -29.66
CA GLN E 78 -5.68 -28.90 -31.01
C GLN E 78 -4.16 -28.84 -31.15
N GLN E 79 -3.49 -28.59 -30.02
CA GLN E 79 -2.04 -28.41 -29.99
C GLN E 79 -1.28 -29.69 -30.33
N ILE E 80 -0.15 -29.53 -31.03
CA ILE E 80 0.71 -30.66 -31.36
C ILE E 80 2.15 -30.38 -30.94
N ASP E 81 2.92 -31.44 -30.71
CA ASP E 81 4.33 -31.32 -30.38
C ASP E 81 5.21 -31.96 -31.44
N LEU E 82 5.57 -31.19 -32.46
CA LEU E 82 6.36 -31.69 -33.58
C LEU E 82 7.79 -32.06 -33.18
N ALA F 4 1.42 -31.55 -49.82
CA ALA F 4 0.32 -30.65 -50.13
C ALA F 4 -0.87 -30.87 -49.20
N VAL F 5 -1.42 -32.07 -49.23
CA VAL F 5 -2.52 -32.44 -48.36
C VAL F 5 -2.06 -32.34 -46.90
N GLN F 6 -0.80 -32.71 -46.67
CA GLN F 6 -0.20 -32.63 -45.35
C GLN F 6 -0.10 -31.17 -44.89
N ALA F 7 0.54 -30.36 -45.72
CA ALA F 7 0.77 -28.96 -45.38
C ALA F 7 -0.53 -28.20 -45.18
N ARG F 8 -1.55 -28.53 -45.97
CA ARG F 8 -2.86 -27.92 -45.82
C ARG F 8 -3.44 -28.20 -44.44
N GLN F 9 -3.39 -29.46 -44.03
CA GLN F 9 -3.93 -29.86 -42.73
C GLN F 9 -3.14 -29.23 -41.60
N LEU F 10 -1.83 -29.18 -41.76
CA LEU F 10 -0.95 -28.61 -40.75
C LEU F 10 -1.17 -27.10 -40.64
N LEU F 11 -1.44 -26.46 -41.77
CA LEU F 11 -1.65 -25.01 -41.78
C LEU F 11 -3.02 -24.63 -41.26
N SER F 12 -4.04 -25.40 -41.63
CA SER F 12 -5.39 -25.14 -41.17
C SER F 12 -5.46 -25.33 -39.66
N GLY F 13 -4.81 -26.39 -39.18
CA GLY F 13 -4.74 -26.68 -37.76
C GLY F 13 -4.11 -25.54 -36.99
N ILE F 14 -3.05 -24.98 -37.55
CA ILE F 14 -2.37 -23.85 -36.95
C ILE F 14 -3.27 -22.61 -36.92
N VAL F 15 -3.96 -22.38 -38.02
CA VAL F 15 -4.86 -21.24 -38.14
C VAL F 15 -6.00 -21.32 -37.13
N GLN F 16 -6.64 -22.50 -37.05
CA GLN F 16 -7.72 -22.73 -36.10
C GLN F 16 -7.23 -22.51 -34.66
N GLN F 17 -6.02 -22.99 -34.38
CA GLN F 17 -5.41 -22.82 -33.07
C GLN F 17 -5.24 -21.34 -32.72
N GLN F 18 -4.78 -20.56 -33.68
CA GLN F 18 -4.59 -19.12 -33.47
C GLN F 18 -5.89 -18.42 -33.13
N ASN F 19 -6.97 -18.82 -33.81
CA ASN F 19 -8.28 -18.27 -33.55
C ASN F 19 -8.77 -18.58 -32.13
N ASN F 20 -8.38 -19.75 -31.63
CA ASN F 20 -8.72 -20.13 -30.25
C ASN F 20 -7.91 -19.34 -29.22
N LEU F 21 -6.62 -19.19 -29.48
CA LEU F 21 -5.75 -18.43 -28.61
C LEU F 21 -6.23 -16.98 -28.53
N LEU F 22 -6.61 -16.43 -29.68
CA LEU F 22 -7.13 -15.07 -29.74
C LEU F 22 -8.42 -14.92 -28.95
N ARG F 23 -9.34 -15.86 -29.14
CA ARG F 23 -10.61 -15.86 -28.43
C ARG F 23 -10.40 -15.95 -26.92
N ALA F 24 -9.46 -16.79 -26.52
CA ALA F 24 -9.10 -16.93 -25.11
C ALA F 24 -8.59 -15.59 -24.56
N ILE F 25 -7.76 -14.92 -25.34
CA ILE F 25 -7.19 -13.64 -24.95
C ILE F 25 -8.27 -12.55 -24.79
N GLU F 26 -9.25 -12.57 -25.69
CA GLU F 26 -10.35 -11.62 -25.61
C GLU F 26 -11.16 -11.81 -24.33
N ALA F 27 -11.50 -13.06 -24.03
CA ALA F 27 -12.30 -13.36 -22.86
C ALA F 27 -11.55 -13.04 -21.58
N GLN F 28 -10.24 -13.27 -21.57
CA GLN F 28 -9.40 -12.92 -20.44
C GLN F 28 -9.36 -11.42 -20.23
N GLN F 29 -9.46 -10.67 -21.32
CA GLN F 29 -9.46 -9.21 -21.24
C GLN F 29 -10.73 -8.69 -20.60
N HIS F 30 -11.85 -9.33 -20.93
CA HIS F 30 -13.14 -8.99 -20.33
C HIS F 30 -13.11 -9.33 -18.85
N LEU F 31 -12.42 -10.41 -18.51
CA LEU F 31 -12.29 -10.84 -17.13
C LEU F 31 -11.39 -9.85 -16.39
N LEU F 32 -10.30 -9.46 -17.03
CA LEU F 32 -9.35 -8.51 -16.46
C LEU F 32 -10.03 -7.18 -16.14
N GLN F 33 -10.87 -6.72 -17.05
CA GLN F 33 -11.56 -5.44 -16.88
C GLN F 33 -12.56 -5.45 -15.72
N LEU F 34 -13.18 -6.60 -15.48
CA LEU F 34 -14.11 -6.76 -14.37
C LEU F 34 -13.37 -6.69 -13.05
N THR F 35 -12.17 -7.24 -13.02
CA THR F 35 -11.36 -7.20 -11.82
C THR F 35 -10.85 -5.80 -11.53
N VAL F 36 -10.57 -5.05 -12.60
CA VAL F 36 -10.14 -3.66 -12.45
C VAL F 36 -11.26 -2.84 -11.81
N TRP F 37 -12.47 -3.02 -12.32
CA TRP F 37 -13.64 -2.33 -11.78
C TRP F 37 -13.87 -2.67 -10.32
N GLY F 38 -13.75 -3.96 -9.99
CA GLY F 38 -13.92 -4.42 -8.63
C GLY F 38 -12.96 -3.73 -7.67
N ILE F 39 -11.70 -3.64 -8.09
CA ILE F 39 -10.67 -3.00 -7.28
C ILE F 39 -10.96 -1.52 -7.11
N LYS F 40 -11.31 -0.85 -8.21
CA LYS F 40 -11.61 0.58 -8.17
C LYS F 40 -12.78 0.89 -7.24
N GLN F 41 -13.79 0.01 -7.24
CA GLN F 41 -14.95 0.20 -6.37
C GLN F 41 -14.59 -0.02 -4.90
N LEU F 42 -13.65 -0.92 -4.65
CA LEU F 42 -13.18 -1.14 -3.28
C LEU F 42 -12.39 0.06 -2.80
N GLN F 43 -11.60 0.63 -3.69
CA GLN F 43 -10.80 1.80 -3.37
C GLN F 43 -11.70 3.00 -3.10
N ALA F 44 -12.79 3.09 -3.84
CA ALA F 44 -13.73 4.19 -3.68
C ALA F 44 -14.53 4.08 -2.38
N ARG F 45 -14.60 2.86 -1.83
CA ARG F 45 -15.36 2.61 -0.62
C ARG F 45 -14.55 2.91 0.64
N ILE F 46 -13.24 3.11 0.47
CA ILE F 46 -12.33 3.30 1.60
C ILE F 46 -11.47 4.55 1.42
N ARG F 51 -9.86 8.01 -4.03
CA ARG F 51 -9.01 7.27 -4.96
C ARG F 51 -7.80 8.10 -5.40
N GLY F 52 -7.42 9.07 -4.58
CA GLY F 52 -6.26 9.88 -4.85
C GLY F 52 -4.98 9.16 -4.45
N GLY F 53 -3.93 9.33 -5.25
CA GLY F 53 -2.70 8.59 -5.06
C GLY F 53 -2.64 7.46 -6.06
N TRP F 54 -3.77 7.20 -6.71
CA TRP F 54 -3.88 6.14 -7.70
C TRP F 54 -4.04 6.72 -9.11
N GLU F 55 -3.62 7.96 -9.28
CA GLU F 55 -3.72 8.63 -10.59
C GLU F 55 -2.85 7.94 -11.63
N GLU F 56 -1.59 7.70 -11.28
CA GLU F 56 -0.66 7.07 -12.20
C GLU F 56 -1.09 5.63 -12.50
N TRP F 57 -1.52 4.92 -11.46
CA TRP F 57 -2.03 3.56 -11.57
C TRP F 57 -3.17 3.51 -12.58
N ASP F 58 -4.09 4.47 -12.44
CA ASP F 58 -5.20 4.59 -13.38
C ASP F 58 -4.72 4.83 -14.80
N LYS F 59 -3.66 5.63 -14.93
CA LYS F 59 -3.12 5.97 -16.25
C LYS F 59 -2.53 4.75 -16.96
N LYS F 60 -1.70 4.01 -16.26
CA LYS F 60 -1.05 2.82 -16.82
C LYS F 60 -2.07 1.75 -17.22
N ILE F 61 -3.12 1.59 -16.40
CA ILE F 61 -4.18 0.65 -16.73
C ILE F 61 -4.86 1.04 -18.02
N GLU F 62 -5.26 2.31 -18.10
CA GLU F 62 -5.86 2.87 -19.30
C GLU F 62 -4.94 2.71 -20.50
N GLU F 63 -3.65 2.94 -20.27
CA GLU F 63 -2.64 2.80 -21.31
C GLU F 63 -2.60 1.38 -21.88
N TYR F 64 -2.33 0.41 -21.01
CA TYR F 64 -2.25 -0.99 -21.45
C TYR F 64 -3.58 -1.49 -21.99
N THR F 65 -4.68 -0.98 -21.45
CA THR F 65 -6.01 -1.39 -21.89
C THR F 65 -6.27 -0.99 -23.34
N LYS F 66 -5.93 0.26 -23.68
CA LYS F 66 -6.05 0.72 -25.06
C LYS F 66 -5.15 -0.10 -25.96
N LYS F 67 -3.92 -0.31 -25.49
CA LYS F 67 -2.91 -1.10 -26.19
C LYS F 67 -3.44 -2.50 -26.51
N ILE F 68 -4.03 -3.14 -25.51
CA ILE F 68 -4.59 -4.48 -25.66
C ILE F 68 -5.73 -4.50 -26.65
N GLU F 69 -6.70 -3.62 -26.44
CA GLU F 69 -7.88 -3.54 -27.31
C GLU F 69 -7.49 -3.22 -28.74
N GLU F 70 -6.46 -2.41 -28.90
CA GLU F 70 -5.91 -2.12 -30.22
C GLU F 70 -5.38 -3.41 -30.84
N LEU F 71 -4.53 -4.10 -30.10
CA LEU F 71 -3.91 -5.34 -30.59
C LEU F 71 -4.94 -6.43 -30.88
N ILE F 72 -6.06 -6.40 -30.16
CA ILE F 72 -7.10 -7.40 -30.35
C ILE F 72 -7.85 -7.21 -31.68
N LYS F 73 -8.36 -6.00 -31.89
CA LYS F 73 -9.04 -5.67 -33.15
C LYS F 73 -8.10 -5.89 -34.33
N LYS F 74 -6.84 -5.52 -34.14
CA LYS F 74 -5.80 -5.71 -35.13
C LYS F 74 -5.60 -7.19 -35.45
N SER F 75 -5.78 -8.03 -34.44
CA SER F 75 -5.64 -9.48 -34.60
C SER F 75 -6.90 -10.09 -35.18
N GLN F 76 -8.02 -9.40 -34.97
CA GLN F 76 -9.29 -9.84 -35.56
C GLN F 76 -9.29 -9.58 -37.06
N ASN F 77 -8.59 -8.52 -37.47
CA ASN F 77 -8.50 -8.17 -38.88
C ASN F 77 -7.46 -9.01 -39.61
N GLN F 78 -6.53 -9.60 -38.87
CA GLN F 78 -5.50 -10.44 -39.44
C GLN F 78 -5.96 -11.90 -39.50
N GLN F 79 -7.02 -12.18 -38.75
CA GLN F 79 -7.55 -13.53 -38.59
C GLN F 79 -8.24 -14.07 -39.85
N ILE F 80 -8.08 -15.35 -40.11
CA ILE F 80 -8.79 -16.02 -41.20
C ILE F 80 -9.43 -17.31 -40.74
N ASP F 81 -10.58 -17.63 -41.33
CA ASP F 81 -11.25 -18.90 -41.07
C ASP F 81 -11.22 -19.76 -42.33
N LEU F 82 -10.22 -20.64 -42.40
CA LEU F 82 -10.01 -21.46 -43.59
C LEU F 82 -11.05 -22.57 -43.72
#